data_8CZF
#
_entry.id   8CZF
#
_cell.length_a   94.130
_cell.length_b   41.080
_cell.length_c   56.390
_cell.angle_alpha   90.000
_cell.angle_beta   122.000
_cell.angle_gamma   90.000
#
_symmetry.space_group_name_H-M   'C 1 2 1'
#
loop_
_entity.id
_entity.type
_entity.pdbx_description
1 polymer 'Bcl-2 homologous antagonist/killer'
2 polymer 'DF2 peptide'
3 water water
#
loop_
_entity_poly.entity_id
_entity_poly.type
_entity_poly.pdbx_seq_one_letter_code
_entity_poly.pdbx_strand_id
1 'polypeptide(L)'
;GPLGSMSEEQVAQDTEEVFRSYVFYRHQQEQEAEGVAAPADPEMVTLPLQPSSTMGQVGRQLAIIGDDINRRYDSEFQTM
LQHLQPTAENAYEYFTKIATSLFESGINWGRVVALLGFGYRLALHVYQHGLTGFLGQVTRFVVDFMLHHSIARWIAQRGG
WVAALNLGNG
;
A
2 'polypeptide(L)' (ACE)SYIDKIADLIRKVAEEINSKLE(NH2) B
#
# COMPACT_ATOMS: atom_id res chain seq x y z
N GLY A 4 -18.54 0.84 -21.21
CA GLY A 4 -17.13 0.54 -21.08
C GLY A 4 -16.76 0.37 -19.62
N SER A 5 -15.47 0.16 -19.35
CA SER A 5 -15.02 0.03 -17.98
C SER A 5 -15.10 1.38 -17.27
N MET A 6 -15.06 1.33 -15.94
CA MET A 6 -14.87 2.55 -15.20
C MET A 6 -13.57 3.18 -15.67
N SER A 7 -13.47 4.49 -15.45
CA SER A 7 -12.30 5.21 -15.91
C SER A 7 -11.13 5.04 -14.95
N GLU A 8 -9.92 5.28 -15.48
CA GLU A 8 -8.75 5.33 -14.62
C GLU A 8 -8.88 6.41 -13.57
N GLU A 9 -9.51 7.54 -13.92
CA GLU A 9 -9.72 8.60 -12.94
C GLU A 9 -10.59 8.11 -11.79
N GLN A 10 -11.64 7.34 -12.10
CA GLN A 10 -12.44 6.74 -11.04
C GLN A 10 -11.59 5.82 -10.17
N VAL A 11 -10.77 4.97 -10.79
CA VAL A 11 -9.92 4.08 -10.00
C VAL A 11 -8.94 4.88 -9.14
N ALA A 12 -8.45 6.02 -9.64
CA ALA A 12 -7.55 6.85 -8.83
C ALA A 12 -8.24 7.35 -7.58
N GLN A 13 -9.50 7.80 -7.70
CA GLN A 13 -10.27 8.20 -6.52
CA GLN A 13 -10.27 8.20 -6.52
C GLN A 13 -10.46 7.02 -5.58
N ASP A 14 -10.88 5.87 -6.13
CA ASP A 14 -11.12 4.70 -5.30
C ASP A 14 -9.85 4.29 -4.58
N THR A 15 -8.70 4.41 -5.24
CA THR A 15 -7.42 3.98 -4.65
C THR A 15 -7.10 4.83 -3.44
N GLU A 16 -7.35 6.14 -3.52
CA GLU A 16 -7.16 7.00 -2.35
C GLU A 16 -8.00 6.51 -1.19
N GLU A 17 -9.25 6.13 -1.44
CA GLU A 17 -10.13 5.65 -0.36
C GLU A 17 -9.65 4.31 0.18
N VAL A 18 -9.29 3.38 -0.69
CA VAL A 18 -8.83 2.07 -0.25
C VAL A 18 -7.57 2.23 0.59
N PHE A 19 -6.61 3.01 0.11
CA PHE A 19 -5.34 3.17 0.82
C PHE A 19 -5.54 3.80 2.19
N ARG A 20 -6.32 4.89 2.26
CA ARG A 20 -6.48 5.57 3.54
C ARG A 20 -7.20 4.71 4.56
N SER A 21 -8.21 3.97 4.11
CA SER A 21 -8.88 3.02 4.99
C SER A 21 -7.93 1.92 5.45
N TYR A 22 -7.25 1.30 4.48
CA TYR A 22 -6.25 0.30 4.76
C TYR A 22 -5.26 0.74 5.84
N VAL A 23 -4.73 1.96 5.70
CA VAL A 23 -3.73 2.46 6.65
C VAL A 23 -4.32 2.51 8.05
N PHE A 24 -5.53 3.09 8.17
CA PHE A 24 -6.15 3.22 9.47
C PHE A 24 -6.39 1.86 10.11
N TYR A 25 -7.02 0.93 9.38
CA TYR A 25 -7.34 -0.35 9.99
C TYR A 25 -6.11 -1.20 10.22
N ARG A 26 -5.07 -1.05 9.39
CA ARG A 26 -3.82 -1.77 9.64
C ARG A 26 -3.16 -1.27 10.93
N HIS A 27 -3.09 0.05 11.13
CA HIS A 27 -2.46 0.53 12.35
C HIS A 27 -3.18 -0.01 13.58
N GLN A 28 -4.51 0.01 13.55
CA GLN A 28 -5.24 -0.44 14.71
C GLN A 28 -4.98 -1.92 14.99
N GLN A 29 -4.89 -2.74 13.94
CA GLN A 29 -4.69 -4.16 14.24
C GLN A 29 -3.28 -4.46 14.72
N GLU A 30 -2.31 -3.55 14.53
CA GLU A 30 -0.95 -3.77 14.99
C GLU A 30 -0.62 -3.08 16.32
N GLN A 31 -1.60 -2.46 16.98
CA GLN A 31 -1.31 -1.50 18.06
C GLN A 31 -0.92 -2.17 19.38
N GLU A 32 -1.08 -3.48 19.51
CA GLU A 32 -0.64 -4.21 20.70
C GLU A 32 0.60 -5.07 20.43
N ALA A 33 1.37 -4.73 19.40
CA ALA A 33 2.56 -5.52 19.04
C ALA A 33 3.50 -5.67 20.24
N ALA A 38 4.40 2.04 17.82
CA ALA A 38 4.54 3.13 16.85
C ALA A 38 3.35 4.06 16.96
N PRO A 39 3.58 5.35 17.13
CA PRO A 39 2.46 6.30 17.21
C PRO A 39 1.74 6.35 15.87
N ALA A 40 0.42 6.55 15.93
CA ALA A 40 -0.32 6.78 14.70
C ALA A 40 -0.22 8.26 14.32
N ASP A 41 0.12 8.51 13.08
CA ASP A 41 0.01 9.86 12.55
C ASP A 41 -1.45 10.30 12.67
N PRO A 42 -1.72 11.44 13.31
CA PRO A 42 -3.13 11.86 13.46
C PRO A 42 -3.85 12.00 12.14
N GLU A 43 -3.16 12.29 11.05
CA GLU A 43 -3.83 12.38 9.76
C GLU A 43 -4.51 11.07 9.35
N MET A 44 -4.07 9.94 9.88
CA MET A 44 -4.67 8.68 9.52
C MET A 44 -6.15 8.61 9.86
N VAL A 45 -6.63 9.39 10.82
CA VAL A 45 -8.05 9.33 11.14
C VAL A 45 -8.89 10.20 10.22
N THR A 46 -8.28 10.89 9.25
CA THR A 46 -8.99 11.65 8.24
C THR A 46 -9.03 10.81 6.97
N LEU A 47 -10.23 10.43 6.56
CA LEU A 47 -10.46 9.62 5.39
C LEU A 47 -11.17 10.44 4.34
N PRO A 48 -11.05 10.08 3.06
CA PRO A 48 -11.74 10.86 2.01
C PRO A 48 -13.25 10.73 2.07
N LEU A 49 -13.77 9.64 2.62
CA LEU A 49 -15.19 9.35 2.65
C LEU A 49 -15.46 8.57 3.93
N GLN A 50 -16.72 8.34 4.22
CA GLN A 50 -17.04 7.57 5.41
C GLN A 50 -16.46 6.16 5.29
N PRO A 51 -15.98 5.58 6.39
CA PRO A 51 -15.29 4.29 6.33
C PRO A 51 -16.21 3.14 5.99
N SER A 52 -17.53 3.31 6.12
CA SER A 52 -18.49 2.28 5.75
C SER A 52 -18.74 2.20 4.25
N SER A 53 -18.14 3.09 3.45
CA SER A 53 -18.30 3.02 2.01
C SER A 53 -17.69 1.73 1.46
N THR A 54 -18.05 1.41 0.21
CA THR A 54 -17.54 0.19 -0.40
C THR A 54 -16.01 0.14 -0.41
N MET A 55 -15.36 1.23 -0.80
CA MET A 55 -13.89 1.26 -0.82
C MET A 55 -13.30 1.27 0.59
N GLY A 56 -13.98 1.89 1.54
CA GLY A 56 -13.56 1.75 2.93
C GLY A 56 -13.58 0.31 3.39
N GLN A 57 -14.64 -0.43 3.03
CA GLN A 57 -14.70 -1.84 3.38
C GLN A 57 -13.60 -2.63 2.69
N VAL A 58 -13.32 -2.34 1.41
CA VAL A 58 -12.26 -3.06 0.72
C VAL A 58 -10.91 -2.83 1.41
N GLY A 59 -10.61 -1.58 1.75
CA GLY A 59 -9.37 -1.29 2.46
C GLY A 59 -9.27 -2.03 3.77
N ARG A 60 -10.37 -2.03 4.53
CA ARG A 60 -10.39 -2.75 5.80
C ARG A 60 -10.14 -4.24 5.59
N GLN A 61 -10.81 -4.85 4.62
CA GLN A 61 -10.64 -6.28 4.41
C GLN A 61 -9.22 -6.62 3.96
N LEU A 62 -8.63 -5.77 3.13
CA LEU A 62 -7.25 -6.02 2.70
C LEU A 62 -6.28 -5.89 3.86
N ALA A 63 -6.51 -4.95 4.78
CA ALA A 63 -5.65 -4.88 5.96
C ALA A 63 -5.77 -6.17 6.78
N ILE A 64 -7.00 -6.66 6.98
CA ILE A 64 -7.22 -7.87 7.77
C ILE A 64 -6.54 -9.07 7.11
N ILE A 65 -6.71 -9.20 5.79
CA ILE A 65 -6.18 -10.35 5.07
C ILE A 65 -4.67 -10.42 5.21
N GLY A 66 -4.00 -9.29 5.23
CA GLY A 66 -2.55 -9.30 5.25
C GLY A 66 -1.92 -9.41 6.61
N ASP A 67 -2.71 -9.46 7.68
CA ASP A 67 -2.15 -9.28 9.01
C ASP A 67 -1.08 -10.32 9.31
N ASP A 68 -1.37 -11.59 9.12
CA ASP A 68 -0.38 -12.62 9.47
C ASP A 68 0.86 -12.52 8.60
N ILE A 69 0.69 -12.24 7.31
CA ILE A 69 1.84 -12.06 6.43
C ILE A 69 2.70 -10.90 6.90
N ASN A 70 2.07 -9.75 7.12
CA ASN A 70 2.83 -8.56 7.48
C ASN A 70 3.55 -8.75 8.81
N ARG A 71 2.93 -9.43 9.76
CA ARG A 71 3.62 -9.66 11.04
C ARG A 71 4.89 -10.48 10.84
N ARG A 72 4.88 -11.42 9.90
CA ARG A 72 6.06 -12.28 9.74
C ARG A 72 7.24 -11.52 9.16
N TYR A 73 7.01 -10.45 8.41
CA TYR A 73 8.07 -9.69 7.78
C TYR A 73 8.42 -8.39 8.49
N ASP A 74 7.76 -8.10 9.62
CA ASP A 74 7.97 -6.81 10.28
C ASP A 74 9.44 -6.57 10.61
N SER A 75 10.09 -7.55 11.26
CA SER A 75 11.46 -7.31 11.71
C SER A 75 12.38 -6.99 10.55
N GLU A 76 12.24 -7.72 9.45
CA GLU A 76 13.12 -7.48 8.31
C GLU A 76 12.84 -6.12 7.67
N PHE A 77 11.57 -5.76 7.46
CA PHE A 77 11.28 -4.45 6.88
C PHE A 77 11.73 -3.33 7.80
N GLN A 78 11.49 -3.46 9.10
CA GLN A 78 11.92 -2.43 10.03
C GLN A 78 13.42 -2.20 9.94
N THR A 79 14.20 -3.27 9.90
CA THR A 79 15.65 -3.12 9.75
C THR A 79 16.01 -2.49 8.42
N MET A 80 15.37 -2.91 7.33
CA MET A 80 15.71 -2.38 6.02
C MET A 80 15.37 -0.90 5.91
N LEU A 81 14.22 -0.49 6.46
CA LEU A 81 13.86 0.93 6.39
C LEU A 81 14.72 1.77 7.32
N GLN A 82 15.10 1.23 8.47
CA GLN A 82 16.03 1.95 9.33
C GLN A 82 17.35 2.18 8.60
N HIS A 83 17.75 1.23 7.76
CA HIS A 83 18.99 1.41 7.03
C HIS A 83 18.84 2.43 5.93
N LEU A 84 17.72 2.36 5.20
CA LEU A 84 17.44 3.30 4.12
C LEU A 84 17.23 4.72 4.65
N GLN A 85 16.69 4.85 5.87
CA GLN A 85 16.43 6.15 6.49
C GLN A 85 15.59 7.03 5.57
N PRO A 86 14.37 6.61 5.24
CA PRO A 86 13.50 7.48 4.45
C PRO A 86 13.05 8.70 5.23
N THR A 87 12.96 9.82 4.53
CA THR A 87 12.51 11.09 5.08
C THR A 87 11.68 11.77 4.00
N ALA A 88 11.07 12.93 4.32
CA ALA A 88 10.40 13.70 3.29
C ALA A 88 11.34 14.07 2.16
N GLU A 89 12.64 14.15 2.42
CA GLU A 89 13.56 14.60 1.39
C GLU A 89 13.91 13.50 0.40
N ASN A 90 13.83 12.23 0.79
CA ASN A 90 14.19 11.16 -0.14
C ASN A 90 13.05 10.20 -0.45
N ALA A 91 11.87 10.42 0.13
CA ALA A 91 10.83 9.39 0.04
C ALA A 91 10.32 9.19 -1.38
N TYR A 92 10.22 10.26 -2.19
CA TYR A 92 9.72 10.09 -3.55
C TYR A 92 10.65 9.20 -4.36
N GLU A 93 11.96 9.45 -4.24
CA GLU A 93 12.94 8.65 -4.95
C GLU A 93 12.85 7.19 -4.55
N TYR A 94 12.85 6.93 -3.25
CA TYR A 94 12.82 5.55 -2.79
C TYR A 94 11.51 4.87 -3.14
N PHE A 95 10.38 5.56 -2.94
CA PHE A 95 9.11 4.97 -3.30
C PHE A 95 9.08 4.60 -4.78
N THR A 96 9.49 5.54 -5.64
CA THR A 96 9.42 5.32 -7.09
C THR A 96 10.28 4.15 -7.51
N LYS A 97 11.50 4.07 -6.99
CA LYS A 97 12.41 3.02 -7.42
C LYS A 97 11.93 1.65 -6.94
N ILE A 98 11.47 1.59 -5.70
CA ILE A 98 10.99 0.33 -5.14
C ILE A 98 9.73 -0.13 -5.85
N ALA A 99 8.77 0.79 -6.06
CA ALA A 99 7.54 0.43 -6.75
C ALA A 99 7.80 -0.03 -8.17
N THR A 100 8.70 0.66 -8.88
CA THR A 100 9.04 0.23 -10.23
C THR A 100 9.57 -1.20 -10.24
N SER A 101 10.46 -1.53 -9.30
CA SER A 101 11.00 -2.88 -9.25
C SER A 101 9.94 -3.91 -8.85
N LEU A 102 9.02 -3.52 -7.97
CA LEU A 102 7.94 -4.42 -7.58
C LEU A 102 7.15 -4.89 -8.79
N PHE A 103 6.92 -4.00 -9.77
CA PHE A 103 6.07 -4.26 -10.92
C PHE A 103 6.84 -4.58 -12.20
N GLU A 104 8.16 -4.77 -12.11
CA GLU A 104 8.98 -4.96 -13.30
C GLU A 104 8.49 -6.12 -14.16
N SER A 105 7.96 -7.17 -13.53
CA SER A 105 7.56 -8.37 -14.25
C SER A 105 6.08 -8.42 -14.64
N GLY A 106 5.31 -7.42 -14.29
CA GLY A 106 3.89 -7.41 -14.56
C GLY A 106 3.08 -7.15 -13.32
N ILE A 107 1.77 -7.09 -13.53
CA ILE A 107 0.82 -6.70 -12.51
C ILE A 107 0.06 -7.94 -12.07
N ASN A 108 -0.13 -8.09 -10.76
CA ASN A 108 -1.10 -9.03 -10.21
C ASN A 108 -1.64 -8.42 -8.93
N TRP A 109 -2.72 -9.00 -8.40
CA TRP A 109 -3.40 -8.37 -7.26
C TRP A 109 -2.49 -8.33 -6.04
N GLY A 110 -1.68 -9.38 -5.83
CA GLY A 110 -0.78 -9.37 -4.69
C GLY A 110 0.18 -8.19 -4.72
N ARG A 111 0.68 -7.85 -5.91
CA ARG A 111 1.59 -6.72 -6.02
C ARG A 111 0.87 -5.41 -5.78
N VAL A 112 -0.33 -5.26 -6.31
CA VAL A 112 -1.14 -4.06 -6.08
C VAL A 112 -1.38 -3.87 -4.59
N VAL A 113 -1.78 -4.94 -3.90
CA VAL A 113 -2.04 -4.83 -2.46
C VAL A 113 -0.74 -4.63 -1.69
N ALA A 114 0.34 -5.29 -2.12
CA ALA A 114 1.63 -5.07 -1.47
C ALA A 114 2.09 -3.61 -1.59
N LEU A 115 1.72 -2.94 -2.66
CA LEU A 115 2.09 -1.53 -2.80
C LEU A 115 1.41 -0.70 -1.72
N LEU A 116 0.15 -1.02 -1.39
CA LEU A 116 -0.47 -0.34 -0.27
C LEU A 116 0.32 -0.57 1.02
N GLY A 117 0.77 -1.81 1.24
CA GLY A 117 1.52 -2.10 2.44
C GLY A 117 2.83 -1.36 2.51
N PHE A 118 3.53 -1.26 1.37
CA PHE A 118 4.77 -0.49 1.36
C PHE A 118 4.50 0.97 1.65
N GLY A 119 3.43 1.52 1.07
CA GLY A 119 3.04 2.89 1.39
C GLY A 119 2.78 3.07 2.87
N TYR A 120 2.11 2.09 3.49
CA TYR A 120 1.86 2.17 4.93
C TYR A 120 3.17 2.23 5.70
N ARG A 121 4.09 1.31 5.39
CA ARG A 121 5.33 1.24 6.13
C ARG A 121 6.16 2.49 5.92
N LEU A 122 6.18 3.01 4.70
CA LEU A 122 6.98 4.20 4.41
C LEU A 122 6.44 5.41 5.16
N ALA A 123 5.13 5.62 5.12
CA ALA A 123 4.54 6.74 5.83
C ALA A 123 4.78 6.60 7.33
N LEU A 124 4.62 5.39 7.86
CA LEU A 124 4.80 5.19 9.29
C LEU A 124 6.22 5.46 9.72
N HIS A 125 7.19 5.04 8.91
CA HIS A 125 8.59 5.28 9.26
C HIS A 125 8.90 6.77 9.25
N VAL A 126 8.48 7.48 8.20
CA VAL A 126 8.77 8.91 8.11
C VAL A 126 8.17 9.66 9.31
N TYR A 127 7.02 9.21 9.80
CA TYR A 127 6.40 9.82 10.97
C TYR A 127 7.11 9.40 12.26
N GLN A 128 7.17 8.10 12.53
CA GLN A 128 7.69 7.61 13.80
C GLN A 128 9.13 8.02 14.00
N HIS A 129 9.94 7.86 12.97
CA HIS A 129 11.39 8.07 13.05
C HIS A 129 11.83 9.39 12.47
N GLY A 130 11.18 9.88 11.42
CA GLY A 130 11.51 11.16 10.83
C GLY A 130 10.79 12.34 11.42
N LEU A 131 9.83 12.10 12.29
CA LEU A 131 9.06 13.14 12.96
C LEU A 131 8.29 14.01 11.97
N THR A 132 7.95 13.46 10.80
CA THR A 132 7.24 14.20 9.76
C THR A 132 5.98 13.48 9.36
N GLY A 133 4.84 14.19 9.41
CA GLY A 133 3.61 13.65 8.88
C GLY A 133 3.64 13.70 7.36
N PHE A 134 3.53 12.54 6.72
CA PHE A 134 3.77 12.43 5.29
C PHE A 134 2.70 11.53 4.66
N LEU A 135 1.60 11.29 5.36
CA LEU A 135 0.62 10.34 4.84
C LEU A 135 -0.06 10.85 3.58
N GLY A 136 -0.44 12.14 3.55
CA GLY A 136 -1.07 12.67 2.36
C GLY A 136 -0.17 12.56 1.15
N GLN A 137 1.13 12.77 1.34
CA GLN A 137 2.08 12.71 0.25
C GLN A 137 2.26 11.28 -0.26
N VAL A 138 2.40 10.33 0.67
CA VAL A 138 2.51 8.93 0.26
C VAL A 138 1.24 8.48 -0.44
N THR A 139 0.08 8.95 0.02
CA THR A 139 -1.18 8.66 -0.67
C THR A 139 -1.09 9.07 -2.14
N ARG A 140 -0.62 10.29 -2.40
CA ARG A 140 -0.44 10.72 -3.80
C ARG A 140 0.59 9.88 -4.53
N PHE A 141 1.69 9.52 -3.86
CA PHE A 141 2.68 8.66 -4.52
C PHE A 141 2.00 7.38 -5.02
N VAL A 142 1.20 6.75 -4.15
CA VAL A 142 0.56 5.47 -4.48
C VAL A 142 -0.43 5.64 -5.63
N VAL A 143 -1.31 6.63 -5.51
CA VAL A 143 -2.32 6.85 -6.54
C VAL A 143 -1.65 7.16 -7.86
N ASP A 144 -0.69 8.09 -7.86
CA ASP A 144 -0.07 8.51 -9.10
C ASP A 144 0.75 7.39 -9.71
N PHE A 145 1.45 6.61 -8.89
CA PHE A 145 2.21 5.49 -9.44
C PHE A 145 1.28 4.55 -10.19
N MET A 146 0.14 4.20 -9.57
CA MET A 146 -0.79 3.28 -10.22
C MET A 146 -1.37 3.87 -11.50
N LEU A 147 -1.66 5.17 -11.49
CA LEU A 147 -2.19 5.81 -12.68
C LEU A 147 -1.18 5.75 -13.81
N HIS A 148 0.10 6.00 -13.52
CA HIS A 148 1.08 6.20 -14.57
C HIS A 148 1.74 4.91 -15.06
N HIS A 149 1.55 3.79 -14.36
CA HIS A 149 2.17 2.52 -14.74
C HIS A 149 1.12 1.48 -15.09
N SER A 150 -0.02 1.95 -15.60
CA SER A 150 -1.10 1.15 -16.16
C SER A 150 -1.86 0.33 -15.13
N ILE A 151 -1.55 0.48 -13.84
CA ILE A 151 -2.20 -0.33 -12.82
C ILE A 151 -3.65 0.10 -12.61
N ALA A 152 -3.91 1.41 -12.61
CA ALA A 152 -5.30 1.87 -12.48
C ALA A 152 -6.15 1.34 -13.65
N ARG A 153 -5.57 1.31 -14.85
CA ARG A 153 -6.28 0.77 -16.00
C ARG A 153 -6.54 -0.72 -15.84
N TRP A 154 -5.52 -1.47 -15.43
CA TRP A 154 -5.66 -2.90 -15.19
C TRP A 154 -6.73 -3.19 -14.18
N ILE A 155 -6.76 -2.41 -13.08
CA ILE A 155 -7.79 -2.54 -12.07
C ILE A 155 -9.17 -2.24 -12.67
N ALA A 156 -9.29 -1.12 -13.38
CA ALA A 156 -10.57 -0.74 -13.95
C ALA A 156 -11.13 -1.84 -14.83
N GLN A 157 -10.27 -2.44 -15.65
CA GLN A 157 -10.70 -3.43 -16.62
C GLN A 157 -11.11 -4.74 -15.96
N ARG A 158 -10.79 -4.93 -14.68
CA ARG A 158 -11.22 -6.06 -13.87
C ARG A 158 -12.37 -5.72 -12.92
N GLY A 159 -12.98 -4.55 -13.09
CA GLY A 159 -14.16 -4.19 -12.32
C GLY A 159 -13.87 -3.38 -11.08
N GLY A 160 -12.65 -2.90 -10.94
CA GLY A 160 -12.29 -2.10 -9.79
C GLY A 160 -11.75 -2.92 -8.65
N TRP A 161 -11.52 -2.19 -7.54
CA TRP A 161 -10.84 -2.76 -6.39
C TRP A 161 -11.60 -3.92 -5.76
N VAL A 162 -12.92 -4.00 -5.91
CA VAL A 162 -13.66 -5.12 -5.32
C VAL A 162 -13.18 -6.45 -5.88
N ALA A 163 -12.59 -6.44 -7.08
CA ALA A 163 -12.09 -7.67 -7.67
C ALA A 163 -11.04 -8.35 -6.79
N ALA A 164 -10.27 -7.58 -6.02
CA ALA A 164 -9.21 -8.17 -5.21
C ALA A 164 -9.75 -9.17 -4.20
N LEU A 165 -10.99 -8.97 -3.75
CA LEU A 165 -11.59 -9.80 -2.73
C LEU A 165 -12.37 -10.95 -3.31
N ASN A 166 -12.37 -11.11 -4.63
CA ASN A 166 -13.27 -12.05 -5.29
C ASN A 166 -12.54 -12.93 -6.30
N LEU A 167 -11.30 -13.29 -5.99
CA LEU A 167 -10.52 -14.17 -6.85
C LEU A 167 -10.73 -15.64 -6.54
N GLY A 168 -11.17 -15.97 -5.33
CA GLY A 168 -11.38 -17.35 -4.93
C GLY A 168 -12.73 -17.89 -5.34
N SER B 2 20.96 -0.78 -5.21
CA SER B 2 21.31 -2.16 -4.74
C SER B 2 20.49 -2.47 -3.49
N TYR B 3 20.52 -1.57 -2.50
CA TYR B 3 19.70 -1.80 -1.32
C TYR B 3 18.22 -1.63 -1.64
N ILE B 4 17.88 -0.64 -2.47
CA ILE B 4 16.54 -0.53 -3.05
C ILE B 4 16.08 -1.87 -3.60
N ASP B 5 16.97 -2.54 -4.32
CA ASP B 5 16.63 -3.82 -4.94
C ASP B 5 16.31 -4.89 -3.90
N LYS B 6 17.05 -4.88 -2.79
CA LYS B 6 16.78 -5.86 -1.73
C LYS B 6 15.40 -5.64 -1.13
N ILE B 7 15.03 -4.37 -0.90
CA ILE B 7 13.70 -4.08 -0.36
C ILE B 7 12.62 -4.49 -1.35
N ALA B 8 12.78 -4.13 -2.63
CA ALA B 8 11.80 -4.53 -3.63
C ALA B 8 11.71 -6.05 -3.72
N ASP B 9 12.83 -6.76 -3.61
CA ASP B 9 12.79 -8.22 -3.63
C ASP B 9 11.93 -8.75 -2.49
N LEU B 10 12.07 -8.16 -1.30
CA LEU B 10 11.25 -8.59 -0.17
C LEU B 10 9.77 -8.27 -0.39
N ILE B 11 9.46 -7.09 -0.94
CA ILE B 11 8.06 -6.78 -1.21
C ILE B 11 7.49 -7.73 -2.25
N ARG B 12 8.30 -8.12 -3.25
CA ARG B 12 7.83 -9.10 -4.25
C ARG B 12 7.51 -10.44 -3.60
N LYS B 13 8.28 -10.83 -2.58
CA LYS B 13 7.98 -12.05 -1.84
C LYS B 13 6.66 -11.92 -1.08
N VAL B 14 6.47 -10.80 -0.40
CA VAL B 14 5.21 -10.57 0.30
C VAL B 14 4.05 -10.61 -0.68
N ALA B 15 4.25 -10.00 -1.84
CA ALA B 15 3.18 -9.92 -2.83
C ALA B 15 2.71 -11.29 -3.26
N GLU B 16 3.65 -12.24 -3.46
CA GLU B 16 3.24 -13.57 -3.86
C GLU B 16 2.46 -14.27 -2.74
N GLU B 17 2.84 -14.03 -1.49
CA GLU B 17 2.08 -14.58 -0.37
C GLU B 17 0.68 -13.97 -0.33
N ILE B 18 0.57 -12.66 -0.55
CA ILE B 18 -0.76 -12.04 -0.59
C ILE B 18 -1.55 -12.61 -1.75
N ASN B 19 -0.93 -12.72 -2.93
CA ASN B 19 -1.63 -13.22 -4.09
C ASN B 19 -2.18 -14.62 -3.82
N SER B 20 -1.36 -15.49 -3.23
CA SER B 20 -1.82 -16.84 -2.91
CA SER B 20 -1.81 -16.84 -2.90
C SER B 20 -3.00 -16.79 -1.95
N LYS B 21 -2.94 -15.94 -0.93
CA LYS B 21 -4.05 -15.86 0.01
C LYS B 21 -5.31 -15.34 -0.66
N LEU B 22 -5.18 -14.32 -1.52
CA LEU B 22 -6.35 -13.80 -2.20
C LEU B 22 -6.97 -14.83 -3.14
N GLU B 23 -6.15 -15.67 -3.77
CA GLU B 23 -6.65 -16.62 -4.77
C GLU B 23 -7.28 -17.84 -4.13
#